data_5O2U
#
_entry.id   5O2U
#
_cell.length_a   40.993
_cell.length_b   72.228
_cell.length_c   69.953
_cell.angle_alpha   90.00
_cell.angle_beta   91.40
_cell.angle_gamma   90.00
#
_symmetry.space_group_name_H-M   'P 1 21 1'
#
loop_
_entity.id
_entity.type
_entity.pdbx_description
1 polymer 'Capsid protein p24'
2 polymer 'VHH 59H10'
#
loop_
_entity_poly.entity_id
_entity_poly.type
_entity_poly.pdbx_seq_one_letter_code
_entity_poly.pdbx_strand_id
1 'polypeptide(L)'
;MGARASVLSGGELDKWEKIRLRPGGKKQYKLKHIVWASRELERFAVNPGLLETSEGCRQILGQLQPSLQTGSEELRSLYN
TIAVLYCVHQRIDVKDTKEALDKIEEEQNKSKKKAQQAAADTGNNSQVSQNYPIVQNLQGQMVHQAISPRTLNAWVKVVE
EKAFSPEVIPMFSALSEGATPQDLNTMLNTVGGHQAAMQMLKETINEEAAEWDRLHPVHAGPIAPGQMREPRGSDIAGTT
STLQEQIGWMTHNPPIPVGEIYKRWIILGLNKIVRMYSPTSILDIRQGPKEPFRDYVDRFYKTLRAEQASQEVKNWMTET
LLVQNANPDCKTILKALGPGATLEEMMTACQGVGGPGHKARVLAEAMSQVTNPATIMIQKGNFRNQRKTVKCFNCGKEGH
IAKNCRAPRKKGCWKCGKEGHQMKDCTERQANFLGKIWPSHKGRPGNFLQSRPEPTAPPEESFRFGEETTTPSQKQEPID
KELYPLASLRSLFGSDPSSQ
;
A,C
2 'polypeptide(L)'
;DVQLQESGGGLVQAGGSLRLSCAASGSISRFNAMGWWRQAPGKEREFVARIVKGFDPVLADSVKGRFTISIDSAENTLAL
QMNRLKPEDTAVYYCFAALDTAYWGQGTQVTVSSAAADYKPGGGKPGGEPEA
;
B,D
#
# COMPACT_ATOMS: atom_id res chain seq x y z
N SER A 281 4.57 -10.10 -2.43
CA SER A 281 3.78 -8.88 -2.27
C SER A 281 4.65 -7.65 -2.40
N ILE A 282 4.12 -6.63 -3.09
CA ILE A 282 4.86 -5.40 -3.33
C ILE A 282 5.22 -4.70 -2.03
N LEU A 283 4.38 -4.84 -1.01
CA LEU A 283 4.60 -4.16 0.27
C LEU A 283 5.80 -4.70 1.03
N ASP A 284 6.42 -5.78 0.57
CA ASP A 284 7.57 -6.37 1.25
C ASP A 284 8.90 -5.99 0.60
N ILE A 285 8.87 -5.21 -0.48
CA ILE A 285 10.10 -4.76 -1.13
C ILE A 285 10.59 -3.51 -0.41
N ARG A 286 11.63 -3.65 0.40
CA ARG A 286 12.21 -2.55 1.15
CA ARG A 286 12.21 -2.55 1.15
C ARG A 286 13.68 -2.44 0.82
N GLN A 287 14.14 -1.22 0.54
CA GLN A 287 15.53 -0.99 0.18
C GLN A 287 16.43 -1.26 1.38
N GLY A 288 17.40 -2.14 1.20
CA GLY A 288 18.37 -2.42 2.23
C GLY A 288 19.27 -1.23 2.48
N PRO A 289 19.96 -1.24 3.62
CA PRO A 289 20.88 -0.13 3.92
C PRO A 289 22.10 -0.10 3.03
N LYS A 290 22.49 -1.25 2.47
CA LYS A 290 23.63 -1.35 1.56
C LYS A 290 23.23 -1.13 0.11
N GLU A 291 21.96 -1.25 -0.21
CA GLU A 291 21.50 -1.41 -1.58
C GLU A 291 21.50 -0.10 -2.34
N PRO A 292 22.04 -0.07 -3.55
CA PRO A 292 21.87 1.11 -4.42
C PRO A 292 20.40 1.29 -4.79
N PHE A 293 20.00 2.55 -4.98
CA PHE A 293 18.60 2.86 -5.28
C PHE A 293 18.12 2.22 -6.56
N ARG A 294 19.00 2.09 -7.57
CA ARG A 294 18.58 1.49 -8.83
C ARG A 294 18.17 0.03 -8.67
N ASP A 295 18.93 -0.75 -7.89
CA ASP A 295 18.58 -2.14 -7.69
C ASP A 295 17.26 -2.29 -6.95
N TYR A 296 17.05 -1.44 -5.93
CA TYR A 296 15.79 -1.44 -5.20
C TYR A 296 14.62 -1.10 -6.13
N VAL A 297 14.80 -0.10 -7.00
CA VAL A 297 13.76 0.23 -7.97
C VAL A 297 13.50 -0.97 -8.89
N ASP A 298 14.56 -1.67 -9.31
CA ASP A 298 14.39 -2.81 -10.21
C ASP A 298 13.54 -3.90 -9.57
N ARG A 299 13.86 -4.24 -8.32
CA ARG A 299 13.05 -5.22 -7.60
C ARG A 299 11.62 -4.73 -7.39
N PHE A 300 11.47 -3.44 -7.08
CA PHE A 300 10.15 -2.88 -6.82
C PHE A 300 9.26 -2.98 -8.04
N TYR A 301 9.80 -2.67 -9.23
CA TYR A 301 9.00 -2.77 -10.44
C TYR A 301 8.80 -4.22 -10.88
N LYS A 302 9.80 -5.09 -10.68
CA LYS A 302 9.61 -6.50 -10.98
C LYS A 302 8.46 -7.09 -10.18
N THR A 303 8.50 -6.91 -8.85
CA THR A 303 7.39 -7.38 -8.03
C THR A 303 6.10 -6.62 -8.34
N LEU A 304 6.21 -5.35 -8.72
CA LEU A 304 5.02 -4.56 -9.06
C LEU A 304 4.29 -5.10 -10.27
N ARG A 305 5.03 -5.67 -11.23
CA ARG A 305 4.40 -6.10 -12.47
C ARG A 305 3.59 -7.39 -12.28
N ALA A 306 3.92 -8.19 -11.27
CA ALA A 306 3.14 -9.39 -10.96
C ALA A 306 1.99 -9.11 -10.01
N GLU A 307 2.04 -7.98 -9.31
CA GLU A 307 0.97 -7.62 -8.38
C GLU A 307 -0.37 -7.48 -9.09
N GLN A 308 -1.42 -7.99 -8.45
CA GLN A 308 -2.78 -7.83 -8.96
C GLN A 308 -3.37 -6.58 -8.33
N ALA A 309 -3.40 -5.50 -9.11
CA ALA A 309 -3.81 -4.21 -8.58
C ALA A 309 -4.21 -3.30 -9.73
N SER A 310 -5.13 -2.37 -9.43
CA SER A 310 -5.56 -1.44 -10.45
C SER A 310 -4.41 -0.52 -10.86
N GLN A 311 -4.58 0.16 -11.99
CA GLN A 311 -3.48 0.99 -12.48
C GLN A 311 -3.32 2.26 -11.67
N GLU A 312 -4.38 2.75 -11.02
CA GLU A 312 -4.23 3.90 -10.15
C GLU A 312 -3.56 3.53 -8.84
N VAL A 313 -3.92 2.38 -8.25
CA VAL A 313 -3.24 1.98 -7.04
C VAL A 313 -1.81 1.55 -7.35
N LYS A 314 -1.54 1.17 -8.60
CA LYS A 314 -0.15 0.99 -9.04
C LYS A 314 0.55 2.34 -9.17
N ASN A 315 -0.19 3.38 -9.59
CA ASN A 315 0.37 4.72 -9.58
C ASN A 315 0.67 5.19 -8.17
N TRP A 316 -0.18 4.83 -7.21
CA TRP A 316 0.10 5.15 -5.81
C TRP A 316 1.29 4.36 -5.30
N MET A 317 1.47 3.14 -5.77
CA MET A 317 2.62 2.33 -5.34
C MET A 317 3.92 2.92 -5.89
N THR A 318 3.92 3.32 -7.16
CA THR A 318 5.09 3.97 -7.74
C THR A 318 5.36 5.32 -7.08
N GLU A 319 4.32 6.12 -6.87
CA GLU A 319 4.49 7.49 -6.42
C GLU A 319 4.79 7.55 -4.92
N THR A 320 4.13 6.73 -4.13
CA THR A 320 4.16 6.86 -2.67
C THR A 320 4.80 5.67 -1.98
N LEU A 321 4.43 4.44 -2.35
CA LEU A 321 4.99 3.27 -1.68
C LEU A 321 6.48 3.12 -1.96
N LEU A 322 6.92 3.41 -3.19
CA LEU A 322 8.33 3.38 -3.51
C LEU A 322 9.13 4.31 -2.59
N VAL A 323 8.61 5.51 -2.36
CA VAL A 323 9.29 6.46 -1.49
C VAL A 323 9.26 5.99 -0.04
N GLN A 324 8.13 5.42 0.39
CA GLN A 324 7.97 5.06 1.80
C GLN A 324 8.91 3.93 2.21
N ASN A 325 9.27 3.04 1.29
CA ASN A 325 10.09 1.88 1.61
C ASN A 325 11.56 2.07 1.32
N ALA A 326 11.98 3.23 0.83
CA ALA A 326 13.40 3.50 0.62
C ALA A 326 14.13 3.53 1.96
N ASN A 327 15.45 3.30 1.89
CA ASN A 327 16.29 3.38 3.08
C ASN A 327 16.23 4.79 3.67
N PRO A 328 16.64 4.95 4.94
CA PRO A 328 16.47 6.26 5.60
C PRO A 328 16.97 7.47 4.81
N ASP A 329 18.22 7.45 4.35
CA ASP A 329 18.77 8.63 3.69
C ASP A 329 18.03 8.94 2.40
N CYS A 330 17.96 7.96 1.50
CA CYS A 330 17.25 8.18 0.24
C CYS A 330 15.77 8.44 0.46
N LYS A 331 15.18 7.93 1.54
CA LYS A 331 13.79 8.25 1.82
C LYS A 331 13.63 9.73 2.19
N THR A 332 14.53 10.24 3.04
CA THR A 332 14.54 11.66 3.34
C THR A 332 14.65 12.48 2.06
N ILE A 333 15.59 12.09 1.19
CA ILE A 333 15.79 12.83 -0.06
C ILE A 333 14.54 12.77 -0.93
N LEU A 334 13.94 11.59 -1.05
CA LEU A 334 12.78 11.44 -1.93
C LEU A 334 11.58 12.20 -1.42
N LYS A 335 11.38 12.25 -0.10
CA LYS A 335 10.30 13.06 0.45
C LYS A 335 10.56 14.54 0.23
N ALA A 336 11.83 14.96 0.33
CA ALA A 336 12.15 16.37 0.11
C ALA A 336 11.77 16.83 -1.29
N LEU A 337 11.73 15.91 -2.26
CA LEU A 337 11.44 16.30 -3.64
C LEU A 337 10.00 16.72 -3.85
N GLY A 338 9.10 16.41 -2.92
CA GLY A 338 7.71 16.80 -3.06
C GLY A 338 6.96 15.91 -4.03
N PRO A 339 5.78 16.38 -4.46
CA PRO A 339 4.91 15.54 -5.30
C PRO A 339 5.29 15.58 -6.77
N GLY A 340 4.93 14.52 -7.48
CA GLY A 340 5.01 14.46 -8.91
C GLY A 340 6.37 14.17 -9.50
N ALA A 341 7.39 13.94 -8.67
CA ALA A 341 8.73 13.69 -9.19
C ALA A 341 8.75 12.40 -10.00
N THR A 342 9.37 12.46 -11.18
CA THR A 342 9.48 11.29 -12.02
C THR A 342 10.50 10.32 -11.45
N LEU A 343 10.51 9.10 -12.00
CA LEU A 343 11.47 8.10 -11.55
C LEU A 343 12.89 8.50 -11.92
N GLU A 344 13.06 9.27 -13.00
CA GLU A 344 14.39 9.74 -13.37
C GLU A 344 14.90 10.78 -12.38
N GLU A 345 14.02 11.72 -11.97
CA GLU A 345 14.37 12.68 -10.93
C GLU A 345 14.69 11.97 -9.61
N MET A 346 13.87 10.98 -9.24
CA MET A 346 14.10 10.27 -7.99
C MET A 346 15.43 9.51 -8.02
N MET A 347 15.76 8.92 -9.17
CA MET A 347 17.00 8.15 -9.26
C MET A 347 18.21 9.09 -9.26
N THR A 348 18.12 10.23 -9.94
CA THR A 348 19.23 11.18 -9.93
C THR A 348 19.45 11.76 -8.54
N ALA A 349 18.38 12.07 -7.82
CA ALA A 349 18.50 12.76 -6.54
C ALA A 349 19.19 11.91 -5.47
N CYS A 350 19.07 10.60 -5.54
CA CYS A 350 19.58 9.71 -4.49
C CYS A 350 20.94 9.11 -4.82
N GLN A 351 21.57 9.50 -5.92
CA GLN A 351 22.82 8.87 -6.36
C GLN A 351 24.01 9.21 -5.47
N GLY A 352 23.85 10.14 -4.52
CA GLY A 352 24.92 10.46 -3.61
C GLY A 352 25.03 9.56 -2.39
N VAL A 353 24.07 8.68 -2.19
CA VAL A 353 24.06 7.79 -1.02
C VAL A 353 25.13 6.72 -1.17
N VAL B 2 27.60 19.65 6.08
CA VAL B 2 26.97 20.54 5.12
C VAL B 2 26.02 21.50 5.84
N GLN B 3 26.26 22.79 5.65
CA GLN B 3 25.49 23.83 6.31
C GLN B 3 24.75 24.69 5.28
N LEU B 4 23.48 24.97 5.56
CA LEU B 4 22.62 25.80 4.74
C LEU B 4 22.05 26.92 5.58
N GLN B 5 21.89 28.10 4.99
CA GLN B 5 21.25 29.22 5.69
C GLN B 5 20.42 30.03 4.71
N GLU B 6 19.13 30.15 4.99
CA GLU B 6 18.25 31.01 4.21
C GLU B 6 18.39 32.46 4.64
N SER B 7 17.96 33.37 3.76
CA SER B 7 17.92 34.79 4.04
C SER B 7 17.10 35.45 2.94
N GLY B 8 16.82 36.73 3.13
CA GLY B 8 15.98 37.49 2.21
C GLY B 8 14.52 37.58 2.58
N GLY B 9 14.12 36.99 3.71
CA GLY B 9 12.74 37.05 4.13
C GLY B 9 12.44 38.30 4.93
N GLY B 10 11.15 38.65 5.00
CA GLY B 10 10.76 39.83 5.74
C GLY B 10 9.27 40.11 5.58
N LEU B 11 8.89 41.35 5.84
CA LEU B 11 7.50 41.78 5.89
C LEU B 11 7.19 42.67 4.69
N VAL B 12 6.13 42.34 3.96
CA VAL B 12 5.75 43.05 2.75
C VAL B 12 4.23 43.16 2.70
N GLN B 13 3.76 44.14 1.93
CA GLN B 13 2.33 44.28 1.66
C GLN B 13 1.91 43.34 0.54
N ALA B 14 0.61 43.10 0.44
CA ALA B 14 0.06 42.29 -0.64
C ALA B 14 0.45 42.89 -1.99
N GLY B 15 0.70 42.00 -2.96
CA GLY B 15 1.15 42.43 -4.27
C GLY B 15 2.63 42.75 -4.38
N GLY B 16 3.38 42.64 -3.30
CA GLY B 16 4.80 42.95 -3.31
C GLY B 16 5.64 41.81 -3.84
N SER B 17 6.96 42.03 -3.80
CA SER B 17 7.93 41.04 -4.26
C SER B 17 9.02 40.86 -3.21
N LEU B 18 9.68 39.70 -3.28
CA LEU B 18 10.76 39.35 -2.37
C LEU B 18 11.64 38.32 -3.07
N ARG B 19 12.92 38.29 -2.70
CA ARG B 19 13.85 37.32 -3.26
C ARG B 19 14.57 36.61 -2.12
N LEU B 20 14.31 35.32 -1.96
CA LEU B 20 15.00 34.52 -0.97
C LEU B 20 16.28 33.94 -1.55
N SER B 21 17.28 33.78 -0.69
CA SER B 21 18.57 33.24 -1.10
C SER B 21 19.04 32.25 -0.03
N CYS B 22 19.58 31.12 -0.49
CA CYS B 22 20.01 30.03 0.37
C CYS B 22 21.51 29.85 0.16
N ALA B 23 22.29 30.18 1.19
CA ALA B 23 23.74 30.04 1.15
C ALA B 23 24.16 28.66 1.62
N ALA B 24 25.08 28.04 0.87
CA ALA B 24 25.57 26.70 1.17
C ALA B 24 27.08 26.72 1.37
N SER B 25 27.55 25.90 2.30
CA SER B 25 28.97 25.69 2.47
C SER B 25 29.49 24.72 1.40
N GLY B 26 30.79 24.81 1.13
CA GLY B 26 31.32 24.04 0.03
C GLY B 26 30.81 24.56 -1.29
N SER B 27 30.92 23.72 -2.32
CA SER B 27 30.45 24.08 -3.66
C SER B 27 29.02 23.59 -3.85
N ILE B 28 28.17 24.45 -4.40
CA ILE B 28 26.75 24.12 -4.55
C ILE B 28 26.50 23.17 -5.71
N SER B 29 27.41 23.12 -6.70
CA SER B 29 27.23 22.24 -7.85
C SER B 29 27.34 20.76 -7.50
N ARG B 30 27.79 20.42 -6.30
CA ARG B 30 27.91 19.01 -5.92
C ARG B 30 26.58 18.41 -5.49
N PHE B 31 25.61 19.21 -5.08
CA PHE B 31 24.32 18.70 -4.66
C PHE B 31 23.55 18.14 -5.85
N ASN B 32 22.84 17.04 -5.63
CA ASN B 32 22.05 16.41 -6.69
C ASN B 32 20.63 16.95 -6.77
N ALA B 33 20.16 17.67 -5.75
CA ALA B 33 18.85 18.29 -5.78
C ALA B 33 18.78 19.34 -4.68
N MET B 34 18.11 20.45 -4.98
CA MET B 34 17.82 21.48 -3.98
C MET B 34 16.40 21.97 -4.21
N GLY B 35 15.84 22.63 -3.20
CA GLY B 35 14.49 23.14 -3.39
C GLY B 35 13.99 23.93 -2.20
N TRP B 36 12.69 24.23 -2.24
CA TRP B 36 12.04 25.13 -1.30
C TRP B 36 10.75 24.51 -0.80
N TRP B 37 10.58 24.55 0.52
CA TRP B 37 9.34 24.20 1.22
C TRP B 37 8.90 25.38 2.07
N ARG B 38 7.64 25.37 2.49
CA ARG B 38 7.15 26.41 3.39
C ARG B 38 6.20 25.80 4.40
N GLN B 39 6.09 26.47 5.56
CA GLN B 39 5.15 26.06 6.59
C GLN B 39 4.50 27.30 7.18
N ALA B 40 3.17 27.33 7.18
CA ALA B 40 2.30 28.34 7.74
C ALA B 40 1.80 27.91 9.12
N PRO B 41 1.49 28.86 10.00
CA PRO B 41 1.06 28.49 11.35
C PRO B 41 -0.17 27.59 11.32
N GLY B 42 -0.03 26.41 11.91
CA GLY B 42 -1.11 25.43 11.97
C GLY B 42 -1.23 24.52 10.77
N LYS B 43 -0.56 24.84 9.68
CA LYS B 43 -0.62 24.10 8.43
C LYS B 43 0.64 23.25 8.25
N GLU B 44 0.48 22.13 7.55
CA GLU B 44 1.59 21.22 7.32
C GLU B 44 2.54 21.78 6.26
N ARG B 45 3.81 21.37 6.36
CA ARG B 45 4.82 21.77 5.39
C ARG B 45 4.36 21.51 3.96
N GLU B 46 4.43 22.54 3.14
CA GLU B 46 4.01 22.46 1.74
C GLU B 46 5.21 22.65 0.83
N PHE B 47 5.23 21.90 -0.27
CA PHE B 47 6.33 21.95 -1.22
C PHE B 47 6.18 23.15 -2.14
N VAL B 48 7.29 23.87 -2.35
CA VAL B 48 7.29 25.11 -3.12
C VAL B 48 8.02 24.95 -4.44
N ALA B 49 9.30 24.56 -4.41
CA ALA B 49 10.07 24.49 -5.64
C ALA B 49 11.06 23.34 -5.57
N ARG B 50 11.48 22.88 -6.76
CA ARG B 50 12.40 21.76 -6.88
C ARG B 50 13.35 21.98 -8.06
N ILE B 51 14.62 21.63 -7.86
CA ILE B 51 15.61 21.54 -8.91
C ILE B 51 16.39 20.25 -8.73
N VAL B 52 16.31 19.36 -9.72
CA VAL B 52 17.10 18.15 -9.78
C VAL B 52 18.15 18.35 -10.86
N LYS B 53 19.36 17.86 -10.61
CA LYS B 53 20.49 18.14 -11.49
C LYS B 53 20.21 17.64 -12.90
N GLY B 54 20.31 18.54 -13.88
CA GLY B 54 20.04 18.22 -15.26
C GLY B 54 18.59 18.37 -15.69
N PHE B 55 17.68 18.66 -14.76
CA PHE B 55 16.25 18.71 -15.03
C PHE B 55 15.72 20.13 -14.95
N ASP B 56 14.53 20.32 -15.52
CA ASP B 56 13.83 21.58 -15.47
C ASP B 56 13.31 21.87 -14.06
N PRO B 57 13.11 23.14 -13.73
CA PRO B 57 12.49 23.47 -12.44
C PRO B 57 11.02 23.06 -12.40
N VAL B 58 10.60 22.50 -11.27
CA VAL B 58 9.21 22.17 -11.02
C VAL B 58 8.72 23.06 -9.88
N LEU B 59 7.53 23.63 -10.05
CA LEU B 59 6.95 24.54 -9.07
C LEU B 59 5.57 24.04 -8.66
N ALA B 60 5.16 24.39 -7.45
CA ALA B 60 3.83 24.04 -6.99
C ALA B 60 2.78 24.79 -7.81
N ASP B 61 1.56 24.26 -7.82
CA ASP B 61 0.50 24.86 -8.62
C ASP B 61 0.08 26.21 -8.07
N SER B 62 0.09 26.38 -6.75
CA SER B 62 -0.29 27.65 -6.14
C SER B 62 0.71 28.77 -6.38
N VAL B 63 1.86 28.49 -7.01
CA VAL B 63 2.92 29.49 -7.13
C VAL B 63 3.44 29.57 -8.56
N LYS B 64 2.99 28.66 -9.42
CA LYS B 64 3.65 28.45 -10.71
C LYS B 64 3.73 29.74 -11.52
N GLY B 65 2.65 30.53 -11.53
CA GLY B 65 2.66 31.76 -12.29
C GLY B 65 3.49 32.87 -11.68
N ARG B 66 3.78 32.79 -10.37
CA ARG B 66 4.31 33.92 -9.63
C ARG B 66 5.74 33.72 -9.12
N PHE B 67 6.16 32.49 -8.83
CA PHE B 67 7.49 32.23 -8.30
C PHE B 67 8.41 31.68 -9.39
N THR B 68 9.70 31.88 -9.19
CA THR B 68 10.74 31.30 -10.05
C THR B 68 11.88 30.83 -9.17
N ILE B 69 12.49 29.70 -9.52
CA ILE B 69 13.62 29.16 -8.78
C ILE B 69 14.85 29.10 -9.69
N SER B 70 15.99 29.57 -9.17
CA SER B 70 17.22 29.63 -9.94
C SER B 70 18.39 29.25 -9.04
N ILE B 71 19.51 28.90 -9.67
CA ILE B 71 20.74 28.52 -8.97
C ILE B 71 21.88 29.38 -9.49
N ASP B 72 22.64 29.97 -8.57
CA ASP B 72 23.80 30.79 -8.90
C ASP B 72 25.04 30.07 -8.39
N SER B 73 25.79 29.46 -9.32
CA SER B 73 27.01 28.74 -8.96
C SER B 73 28.15 29.68 -8.61
N ALA B 74 28.11 30.93 -9.10
CA ALA B 74 29.16 31.89 -8.78
C ALA B 74 29.20 32.18 -7.28
N GLU B 75 28.04 32.51 -6.70
CA GLU B 75 27.95 32.76 -5.27
C GLU B 75 27.61 31.52 -4.46
N ASN B 76 27.44 30.37 -5.11
CA ASN B 76 27.08 29.12 -4.44
C ASN B 76 25.77 29.25 -3.67
N THR B 77 24.77 29.84 -4.32
CA THR B 77 23.51 30.17 -3.65
C THR B 77 22.32 29.70 -4.48
N LEU B 78 21.21 29.44 -3.78
CA LEU B 78 19.96 28.99 -4.39
C LEU B 78 18.90 30.07 -4.18
N ALA B 79 18.40 30.64 -5.27
CA ALA B 79 17.49 31.78 -5.22
C ALA B 79 16.06 31.35 -5.52
N LEU B 80 15.11 31.90 -4.76
CA LEU B 80 13.68 31.80 -5.05
C LEU B 80 13.11 33.21 -5.16
N GLN B 81 12.75 33.62 -6.37
CA GLN B 81 12.17 34.94 -6.62
C GLN B 81 10.65 34.83 -6.53
N MET B 82 10.07 35.59 -5.62
CA MET B 82 8.63 35.60 -5.37
C MET B 82 8.05 36.94 -5.80
N ASN B 83 7.02 36.88 -6.65
CA ASN B 83 6.33 38.05 -7.15
C ASN B 83 4.83 37.86 -6.99
N ARG B 84 4.08 38.95 -7.06
CA ARG B 84 2.62 38.93 -6.92
C ARG B 84 2.21 38.26 -5.61
N LEU B 85 2.85 38.68 -4.53
CA LEU B 85 2.67 38.02 -3.24
C LEU B 85 1.25 38.22 -2.69
N LYS B 86 0.76 37.20 -2.02
CA LYS B 86 -0.57 37.15 -1.44
C LYS B 86 -0.40 36.93 0.06
N PRO B 87 -1.42 37.25 0.86
CA PRO B 87 -1.34 36.94 2.31
C PRO B 87 -1.20 35.46 2.62
N GLU B 88 -1.83 34.58 1.83
CA GLU B 88 -1.67 33.14 2.03
C GLU B 88 -0.25 32.65 1.82
N ASP B 89 0.63 33.47 1.23
CA ASP B 89 2.02 33.06 1.06
C ASP B 89 2.84 33.20 2.32
N THR B 90 2.27 33.79 3.38
CA THR B 90 2.97 33.94 4.66
C THR B 90 3.33 32.58 5.24
N ALA B 91 4.62 32.36 5.47
CA ALA B 91 5.12 31.10 5.99
C ALA B 91 6.61 31.24 6.25
N VAL B 92 7.16 30.24 6.94
CA VAL B 92 8.61 30.08 7.04
C VAL B 92 9.07 29.21 5.89
N TYR B 93 10.09 29.67 5.17
CA TYR B 93 10.57 29.02 3.95
C TYR B 93 11.90 28.35 4.23
N TYR B 94 12.02 27.11 3.79
CA TYR B 94 13.22 26.30 3.99
C TYR B 94 13.77 25.87 2.64
N CYS B 95 15.09 25.93 2.48
CA CYS B 95 15.75 25.31 1.36
C CYS B 95 16.29 23.94 1.79
N PHE B 96 16.36 23.02 0.82
CA PHE B 96 16.96 21.72 1.07
C PHE B 96 17.97 21.39 -0.02
N ALA B 97 18.95 20.58 0.35
CA ALA B 97 19.98 20.09 -0.55
C ALA B 97 20.13 18.58 -0.37
N ALA B 98 20.38 17.89 -1.48
CA ALA B 98 20.48 16.44 -1.49
C ALA B 98 21.90 16.02 -1.83
N LEU B 99 22.56 15.32 -0.90
CA LEU B 99 23.85 14.71 -1.17
C LEU B 99 23.87 13.25 -0.71
N ASP B 100 24.59 12.97 0.38
CA ASP B 100 24.51 11.65 0.99
C ASP B 100 23.25 11.48 1.82
N THR B 101 22.65 12.59 2.25
CA THR B 101 21.31 12.62 2.80
C THR B 101 20.71 13.98 2.45
N ALA B 102 19.53 14.28 2.97
CA ALA B 102 18.92 15.58 2.77
C ALA B 102 19.24 16.49 3.94
N TYR B 103 19.71 17.69 3.64
CA TYR B 103 20.04 18.69 4.64
C TYR B 103 19.10 19.88 4.51
N TRP B 104 18.73 20.48 5.63
CA TRP B 104 17.79 21.59 5.66
C TRP B 104 18.42 22.77 6.40
N GLY B 105 18.03 23.97 5.97
CA GLY B 105 18.27 25.18 6.73
C GLY B 105 17.25 25.33 7.84
N GLN B 106 17.43 26.40 8.63
CA GLN B 106 16.49 26.68 9.71
C GLN B 106 15.27 27.46 9.25
N GLY B 107 15.34 28.09 8.08
CA GLY B 107 14.18 28.75 7.51
C GLY B 107 14.27 30.27 7.65
N THR B 108 13.51 30.96 6.81
CA THR B 108 13.39 32.40 6.90
C THR B 108 11.92 32.78 6.85
N GLN B 109 11.53 33.74 7.69
CA GLN B 109 10.13 34.09 7.81
C GLN B 109 9.72 35.07 6.72
N VAL B 110 8.61 34.77 6.05
CA VAL B 110 8.03 35.64 5.04
C VAL B 110 6.59 35.95 5.48
N THR B 111 6.28 37.24 5.59
CA THR B 111 5.01 37.71 6.14
C THR B 111 4.39 38.72 5.19
N VAL B 112 3.21 38.41 4.68
CA VAL B 112 2.47 39.30 3.79
C VAL B 112 1.23 39.76 4.54
N SER B 113 1.09 41.08 4.68
CA SER B 113 0.03 41.66 5.49
C SER B 113 -0.13 43.12 5.11
N SER B 114 -1.22 43.71 5.58
CA SER B 114 -1.47 45.15 5.39
C SER B 114 -0.61 45.89 6.39
N ALA B 115 0.65 46.13 6.02
CA ALA B 115 1.64 46.78 6.87
C ALA B 115 2.07 48.09 6.24
N ALA B 116 2.98 48.78 6.91
CA ALA B 116 3.46 50.09 6.46
C ALA B 116 4.14 50.00 5.11
N SER C 281 1.38 7.41 9.16
CA SER C 281 1.20 6.76 7.86
C SER C 281 0.41 5.47 8.01
N ILE C 282 -0.50 5.23 7.06
CA ILE C 282 -1.35 4.05 7.11
C ILE C 282 -0.52 2.77 7.04
N LEU C 283 0.62 2.82 6.35
CA LEU C 283 1.48 1.64 6.23
C LEU C 283 2.14 1.26 7.55
N ASP C 284 1.97 2.08 8.59
CA ASP C 284 2.55 1.82 9.90
C ASP C 284 1.53 1.22 10.88
N ILE C 285 0.28 1.07 10.45
CA ILE C 285 -0.76 0.44 11.27
C ILE C 285 -0.67 -1.06 11.05
N ARG C 286 -0.16 -1.78 12.06
CA ARG C 286 -0.04 -3.23 12.01
C ARG C 286 -0.63 -3.82 13.28
N GLN C 287 -1.54 -4.78 13.11
CA GLN C 287 -2.21 -5.39 14.26
C GLN C 287 -1.19 -6.06 15.18
N GLY C 288 -1.27 -5.72 16.47
CA GLY C 288 -0.42 -6.31 17.47
C GLY C 288 -0.68 -7.79 17.64
N PRO C 289 0.25 -8.49 18.31
CA PRO C 289 0.08 -9.94 18.47
C PRO C 289 -1.06 -10.31 19.41
N LYS C 290 -1.31 -9.50 20.44
CA LYS C 290 -2.45 -9.70 21.33
C LYS C 290 -3.65 -8.84 20.95
N GLU C 291 -3.49 -7.91 20.01
CA GLU C 291 -4.49 -6.88 19.80
C GLU C 291 -5.75 -7.48 19.20
N PRO C 292 -6.93 -7.18 19.75
CA PRO C 292 -8.17 -7.61 19.10
C PRO C 292 -8.32 -6.98 17.73
N PHE C 293 -8.92 -7.74 16.80
CA PHE C 293 -9.06 -7.28 15.43
C PHE C 293 -9.93 -6.03 15.35
N ARG C 294 -10.93 -5.91 16.22
CA ARG C 294 -11.80 -4.74 16.18
C ARG C 294 -11.03 -3.46 16.47
N ASP C 295 -10.13 -3.51 17.47
CA ASP C 295 -9.31 -2.34 17.77
C ASP C 295 -8.35 -2.02 16.64
N TYR C 296 -7.75 -3.05 16.04
CA TYR C 296 -6.85 -2.84 14.92
C TYR C 296 -7.58 -2.19 13.75
N VAL C 297 -8.79 -2.65 13.45
CA VAL C 297 -9.59 -2.02 12.40
C VAL C 297 -9.88 -0.57 12.76
N ASP C 298 -10.18 -0.31 14.04
CA ASP C 298 -10.48 1.05 14.46
C ASP C 298 -9.30 1.99 14.24
N ARG C 299 -8.10 1.54 14.64
CA ARG C 299 -6.90 2.34 14.40
C ARG C 299 -6.63 2.50 12.90
N PHE C 300 -6.84 1.43 12.15
CA PHE C 300 -6.58 1.44 10.71
C PHE C 300 -7.48 2.43 9.99
N TYR C 301 -8.76 2.48 10.37
CA TYR C 301 -9.69 3.41 9.76
C TYR C 301 -9.46 4.84 10.25
N LYS C 302 -9.08 4.99 11.53
CA LYS C 302 -8.77 6.32 12.05
C LYS C 302 -7.60 6.94 11.29
N THR C 303 -6.49 6.21 11.18
CA THR C 303 -5.37 6.70 10.38
C THR C 303 -5.76 6.80 8.91
N LEU C 304 -6.66 5.94 8.45
CA LEU C 304 -7.17 6.00 7.09
C LEU C 304 -7.88 7.31 6.81
N ARG C 305 -8.48 7.92 7.85
CA ARG C 305 -9.24 9.14 7.65
C ARG C 305 -8.37 10.35 7.32
N ALA C 306 -7.14 10.36 7.82
CA ALA C 306 -6.21 11.46 7.55
C ALA C 306 -5.34 11.25 6.33
N GLU C 307 -5.22 10.02 5.84
CA GLU C 307 -4.35 9.76 4.70
C GLU C 307 -4.78 10.57 3.49
N GLN C 308 -3.80 11.15 2.80
CA GLN C 308 -4.06 11.91 1.58
C GLN C 308 -3.91 10.95 0.41
N ALA C 309 -5.06 10.48 -0.10
CA ALA C 309 -5.06 9.46 -1.13
C ALA C 309 -6.42 9.44 -1.81
N SER C 310 -6.43 9.01 -3.07
CA SER C 310 -7.67 8.94 -3.83
C SER C 310 -8.60 7.88 -3.23
N GLN C 311 -9.86 7.93 -3.65
CA GLN C 311 -10.86 7.02 -3.09
C GLN C 311 -10.68 5.60 -3.60
N GLU C 312 -10.08 5.43 -4.78
CA GLU C 312 -9.86 4.08 -5.28
C GLU C 312 -8.72 3.39 -4.54
N VAL C 313 -7.63 4.11 -4.28
CA VAL C 313 -6.54 3.52 -3.51
C VAL C 313 -6.89 3.41 -2.03
N LYS C 314 -7.84 4.22 -1.55
CA LYS C 314 -8.37 4.01 -0.22
C LYS C 314 -9.23 2.76 -0.16
N ASN C 315 -9.97 2.48 -1.24
CA ASN C 315 -10.70 1.21 -1.30
C ASN C 315 -9.72 0.03 -1.36
N TRP C 316 -8.58 0.21 -2.04
CA TRP C 316 -7.56 -0.84 -2.03
C TRP C 316 -6.94 -0.99 -0.64
N MET C 317 -6.81 0.11 0.11
CA MET C 317 -6.25 0.03 1.45
C MET C 317 -7.23 -0.67 2.40
N THR C 318 -8.52 -0.38 2.27
CA THR C 318 -9.52 -1.09 3.08
C THR C 318 -9.53 -2.58 2.73
N GLU C 319 -9.52 -2.90 1.44
CA GLU C 319 -9.71 -4.29 1.01
C GLU C 319 -8.45 -5.13 1.19
N THR C 320 -7.28 -4.56 0.90
CA THR C 320 -6.04 -5.33 0.80
C THR C 320 -5.00 -4.98 1.86
N LEU C 321 -4.75 -3.69 2.10
CA LEU C 321 -3.73 -3.31 3.07
C LEU C 321 -4.13 -3.73 4.48
N LEU C 322 -5.42 -3.64 4.81
CA LEU C 322 -5.90 -4.11 6.10
C LEU C 322 -5.55 -5.58 6.31
N VAL C 323 -5.72 -6.41 5.29
CA VAL C 323 -5.43 -7.83 5.41
C VAL C 323 -3.93 -8.06 5.54
N GLN C 324 -3.12 -7.33 4.78
CA GLN C 324 -1.68 -7.56 4.77
C GLN C 324 -1.02 -7.20 6.10
N ASN C 325 -1.59 -6.25 6.84
CA ASN C 325 -0.98 -5.77 8.08
C ASN C 325 -1.54 -6.42 9.33
N ALA C 326 -2.49 -7.34 9.20
CA ALA C 326 -2.98 -8.09 10.35
C ALA C 326 -1.87 -8.96 10.92
N ASN C 327 -2.02 -9.32 12.21
CA ASN C 327 -1.06 -10.23 12.83
C ASN C 327 -1.07 -11.57 12.10
N PRO C 328 -0.02 -12.38 12.28
CA PRO C 328 0.10 -13.61 11.48
C PRO C 328 -1.14 -14.50 11.42
N ASP C 329 -1.70 -14.89 12.58
CA ASP C 329 -2.80 -15.83 12.58
C ASP C 329 -4.04 -15.25 11.90
N CYS C 330 -4.50 -14.08 12.37
CA CYS C 330 -5.67 -13.46 11.76
C CYS C 330 -5.41 -13.11 10.30
N LYS C 331 -4.15 -12.89 9.92
CA LYS C 331 -3.86 -12.70 8.51
C LYS C 331 -4.09 -13.98 7.72
N THR C 332 -3.64 -15.12 8.26
CA THR C 332 -3.91 -16.39 7.62
C THR C 332 -5.42 -16.59 7.43
N ILE C 333 -6.20 -16.35 8.48
CA ILE C 333 -7.65 -16.54 8.39
C ILE C 333 -8.25 -15.57 7.36
N LEU C 334 -7.83 -14.30 7.39
CA LEU C 334 -8.41 -13.30 6.49
C LEU C 334 -8.08 -13.60 5.05
N LYS C 335 -6.87 -14.10 4.78
CA LYS C 335 -6.51 -14.49 3.42
C LYS C 335 -7.30 -15.71 2.99
N ALA C 336 -7.55 -16.64 3.92
CA ALA C 336 -8.34 -17.84 3.59
C ALA C 336 -9.75 -17.50 3.14
N LEU C 337 -10.31 -16.37 3.58
CA LEU C 337 -11.69 -16.05 3.22
C LEU C 337 -11.87 -15.66 1.76
N GLY C 338 -10.78 -15.37 1.05
CA GLY C 338 -10.87 -15.02 -0.34
C GLY C 338 -11.35 -13.60 -0.58
N PRO C 339 -11.77 -13.31 -1.81
CA PRO C 339 -12.11 -11.93 -2.17
C PRO C 339 -13.52 -11.55 -1.75
N GLY C 340 -13.71 -10.24 -1.56
CA GLY C 340 -15.02 -9.67 -1.34
C GLY C 340 -15.55 -9.77 0.08
N ALA C 341 -14.76 -10.32 1.01
CA ALA C 341 -15.23 -10.49 2.38
C ALA C 341 -15.52 -9.14 3.03
N THR C 342 -16.67 -9.05 3.70
CA THR C 342 -17.04 -7.83 4.39
C THR C 342 -16.22 -7.67 5.67
N LEU C 343 -16.28 -6.47 6.24
CA LEU C 343 -15.58 -6.21 7.50
C LEU C 343 -16.18 -7.00 8.65
N GLU C 344 -17.49 -7.25 8.60
CA GLU C 344 -18.13 -8.05 9.63
C GLU C 344 -17.79 -9.52 9.50
N GLU C 345 -17.76 -10.04 8.27
CA GLU C 345 -17.28 -11.40 8.06
C GLU C 345 -15.84 -11.53 8.53
N MET C 346 -15.02 -10.52 8.23
CA MET C 346 -13.62 -10.52 8.64
C MET C 346 -13.49 -10.51 10.17
N MET C 347 -14.36 -9.75 10.84
CA MET C 347 -14.30 -9.66 12.30
C MET C 347 -14.77 -10.96 12.95
N THR C 348 -15.82 -11.59 12.40
CA THR C 348 -16.28 -12.85 12.94
C THR C 348 -15.25 -13.96 12.73
N ALA C 349 -14.60 -13.96 11.57
CA ALA C 349 -13.68 -15.05 11.23
C ALA C 349 -12.46 -15.07 12.15
N CYS C 350 -12.04 -13.92 12.68
CA CYS C 350 -10.84 -13.83 13.48
C CYS C 350 -11.10 -13.82 14.99
N GLN C 351 -12.36 -14.00 15.41
CA GLN C 351 -12.67 -13.87 16.84
C GLN C 351 -12.12 -15.01 17.69
N GLY C 352 -11.60 -16.07 17.06
CA GLY C 352 -10.98 -17.15 17.81
C GLY C 352 -9.52 -16.95 18.11
N VAL C 353 -8.91 -15.90 17.55
CA VAL C 353 -7.49 -15.64 17.71
C VAL C 353 -7.19 -15.15 19.13
N ASP D 1 -3.60 -30.63 16.36
CA ASP D 1 -4.86 -30.60 17.08
C ASP D 1 -6.05 -30.69 16.12
N VAL D 2 -6.30 -29.59 15.41
CA VAL D 2 -7.41 -29.54 14.46
C VAL D 2 -7.08 -30.43 13.27
N GLN D 3 -7.97 -31.38 12.97
CA GLN D 3 -7.78 -32.33 11.88
C GLN D 3 -8.85 -32.11 10.83
N LEU D 4 -8.43 -32.02 9.56
CA LEU D 4 -9.32 -31.91 8.42
C LEU D 4 -8.91 -32.95 7.38
N GLN D 5 -9.90 -33.57 6.74
CA GLN D 5 -9.61 -34.46 5.63
C GLN D 5 -10.73 -34.39 4.61
N GLU D 6 -10.38 -34.03 3.37
CA GLU D 6 -11.35 -34.05 2.29
C GLU D 6 -11.55 -35.47 1.78
N SER D 7 -12.68 -35.69 1.10
CA SER D 7 -12.99 -36.96 0.47
C SER D 7 -14.16 -36.74 -0.48
N GLY D 8 -14.44 -37.75 -1.27
CA GLY D 8 -15.48 -37.67 -2.28
C GLY D 8 -14.98 -37.33 -3.67
N GLY D 9 -13.67 -37.17 -3.85
CA GLY D 9 -13.13 -36.85 -5.16
C GLY D 9 -12.92 -38.08 -6.02
N GLY D 10 -12.88 -37.84 -7.32
CA GLY D 10 -12.70 -38.93 -8.26
C GLY D 10 -12.84 -38.43 -9.69
N LEU D 11 -13.13 -39.36 -10.59
CA LEU D 11 -13.20 -39.09 -12.02
C LEU D 11 -14.66 -39.14 -12.47
N VAL D 12 -15.09 -38.10 -13.18
CA VAL D 12 -16.48 -37.95 -13.58
C VAL D 12 -16.52 -37.43 -15.02
N GLN D 13 -17.65 -37.69 -15.69
CA GLN D 13 -17.90 -37.17 -17.01
C GLN D 13 -18.42 -35.74 -16.93
N ALA D 14 -18.28 -35.01 -18.04
CA ALA D 14 -18.83 -33.66 -18.12
C ALA D 14 -20.33 -33.66 -17.86
N GLY D 15 -20.80 -32.62 -17.18
CA GLY D 15 -22.20 -32.51 -16.83
C GLY D 15 -22.64 -33.35 -15.64
N GLY D 16 -21.74 -34.13 -15.05
CA GLY D 16 -22.08 -34.98 -13.93
C GLY D 16 -22.11 -34.22 -12.63
N SER D 17 -22.31 -34.97 -11.55
CA SER D 17 -22.35 -34.40 -10.20
C SER D 17 -21.43 -35.19 -9.28
N LEU D 18 -21.00 -34.53 -8.22
CA LEU D 18 -20.09 -35.11 -7.24
C LEU D 18 -20.29 -34.34 -5.94
N ARG D 19 -20.04 -35.01 -4.81
CA ARG D 19 -20.20 -34.37 -3.51
C ARG D 19 -18.92 -34.55 -2.70
N LEU D 20 -18.22 -33.44 -2.46
CA LEU D 20 -17.05 -33.47 -1.60
C LEU D 20 -17.45 -33.23 -0.16
N SER D 21 -16.72 -33.86 0.76
CA SER D 21 -16.99 -33.74 2.18
C SER D 21 -15.68 -33.58 2.92
N CYS D 22 -15.70 -32.69 3.92
CA CYS D 22 -14.52 -32.35 4.70
C CYS D 22 -14.80 -32.74 6.15
N ALA D 23 -14.07 -33.74 6.63
CA ALA D 23 -14.22 -34.21 8.00
C ALA D 23 -13.32 -33.40 8.91
N ALA D 24 -13.88 -32.95 10.03
CA ALA D 24 -13.19 -32.13 11.01
C ALA D 24 -13.22 -32.82 12.35
N SER D 25 -12.14 -32.68 13.12
CA SER D 25 -12.13 -33.19 14.48
C SER D 25 -12.92 -32.23 15.38
N GLY D 26 -13.46 -32.79 16.47
CA GLY D 26 -14.33 -31.98 17.30
C GLY D 26 -15.64 -31.65 16.58
N SER D 27 -16.33 -30.67 17.13
CA SER D 27 -17.59 -30.20 16.57
C SER D 27 -17.34 -29.01 15.65
N ILE D 28 -18.04 -28.99 14.51
CA ILE D 28 -17.81 -27.96 13.50
C ILE D 28 -18.37 -26.61 13.94
N SER D 29 -19.34 -26.59 14.85
CA SER D 29 -19.89 -25.32 15.31
C SER D 29 -18.86 -24.48 16.07
N ARG D 30 -17.70 -25.05 16.39
CA ARG D 30 -16.65 -24.31 17.07
C ARG D 30 -15.86 -23.41 16.12
N PHE D 31 -15.80 -23.77 14.84
CA PHE D 31 -15.08 -22.96 13.86
C PHE D 31 -15.86 -21.68 13.55
N ASN D 32 -15.12 -20.59 13.37
CA ASN D 32 -15.74 -19.31 13.02
C ASN D 32 -15.87 -19.10 11.52
N ALA D 33 -15.19 -19.91 10.71
CA ALA D 33 -15.33 -19.83 9.25
C ALA D 33 -14.75 -21.11 8.65
N MET D 34 -15.38 -21.61 7.60
CA MET D 34 -14.85 -22.72 6.82
C MET D 34 -15.09 -22.45 5.35
N GLY D 35 -14.39 -23.16 4.48
CA GLY D 35 -14.60 -22.95 3.07
C GLY D 35 -13.79 -23.90 2.21
N TRP D 36 -13.82 -23.61 0.90
CA TRP D 36 -13.26 -24.45 -0.14
C TRP D 36 -12.45 -23.62 -1.11
N TRP D 37 -11.23 -24.08 -1.40
CA TRP D 37 -10.37 -23.55 -2.44
C TRP D 37 -10.00 -24.70 -3.37
N ARG D 38 -9.51 -24.35 -4.56
CA ARG D 38 -9.04 -25.37 -5.50
C ARG D 38 -7.79 -24.88 -6.21
N GLN D 39 -6.98 -25.84 -6.65
CA GLN D 39 -5.77 -25.53 -7.41
C GLN D 39 -5.58 -26.54 -8.53
N ALA D 40 -5.41 -26.03 -9.76
CA ALA D 40 -5.09 -26.69 -11.00
C ALA D 40 -3.60 -26.55 -11.28
N PRO D 41 -3.00 -27.49 -12.02
CA PRO D 41 -1.55 -27.42 -12.28
C PRO D 41 -1.14 -26.14 -12.99
N GLY D 42 -0.21 -25.41 -12.37
CA GLY D 42 0.30 -24.19 -12.93
C GLY D 42 -0.50 -22.94 -12.58
N LYS D 43 -1.71 -23.11 -12.06
CA LYS D 43 -2.55 -22.00 -11.68
C LYS D 43 -2.52 -21.86 -10.18
N GLU D 44 -2.55 -20.61 -9.71
CA GLU D 44 -2.48 -20.35 -8.28
C GLU D 44 -3.83 -20.63 -7.62
N ARG D 45 -3.78 -20.92 -6.31
CA ARG D 45 -4.97 -21.25 -5.53
C ARG D 45 -6.13 -20.32 -5.84
N GLU D 46 -7.29 -20.92 -6.16
CA GLU D 46 -8.49 -20.19 -6.51
C GLU D 46 -9.55 -20.39 -5.43
N PHE D 47 -10.29 -19.33 -5.12
CA PHE D 47 -11.30 -19.37 -4.08
C PHE D 47 -12.61 -19.93 -4.66
N VAL D 48 -13.22 -20.86 -3.93
CA VAL D 48 -14.43 -21.54 -4.38
C VAL D 48 -15.64 -21.14 -3.53
N ALA D 49 -15.60 -21.42 -2.23
CA ALA D 49 -16.76 -21.14 -1.40
C ALA D 49 -16.32 -20.80 0.02
N ARG D 50 -17.18 -20.08 0.73
CA ARG D 50 -16.92 -19.74 2.12
C ARG D 50 -18.23 -19.66 2.89
N ILE D 51 -18.19 -20.09 4.14
CA ILE D 51 -19.27 -19.87 5.10
C ILE D 51 -18.64 -19.34 6.39
N VAL D 52 -19.05 -18.14 6.80
CA VAL D 52 -18.64 -17.52 8.05
C VAL D 52 -19.81 -17.60 9.02
N LYS D 53 -19.50 -17.84 10.29
CA LYS D 53 -20.54 -18.12 11.28
C LYS D 53 -21.54 -16.99 11.38
N GLY D 54 -22.82 -17.34 11.23
CA GLY D 54 -23.91 -16.39 11.25
C GLY D 54 -24.23 -15.75 9.93
N PHE D 55 -23.42 -15.96 8.90
CA PHE D 55 -23.59 -15.29 7.62
C PHE D 55 -24.04 -16.29 6.55
N ASP D 56 -24.58 -15.74 5.46
CA ASP D 56 -24.96 -16.55 4.32
C ASP D 56 -23.73 -17.06 3.59
N PRO D 57 -23.86 -18.18 2.87
CA PRO D 57 -22.72 -18.67 2.08
C PRO D 57 -22.42 -17.76 0.90
N VAL D 58 -21.13 -17.57 0.64
CA VAL D 58 -20.65 -16.84 -0.53
C VAL D 58 -19.93 -17.82 -1.44
N LEU D 59 -20.24 -17.76 -2.74
CA LEU D 59 -19.63 -18.63 -3.72
C LEU D 59 -19.01 -17.81 -4.84
N ALA D 60 -17.99 -18.37 -5.47
CA ALA D 60 -17.34 -17.70 -6.59
C ALA D 60 -18.28 -17.62 -7.79
N ASP D 61 -17.99 -16.67 -8.68
CA ASP D 61 -18.84 -16.44 -9.84
C ASP D 61 -18.79 -17.61 -10.81
N SER D 62 -17.63 -18.26 -10.93
CA SER D 62 -17.48 -19.40 -11.84
C SER D 62 -18.24 -20.64 -11.36
N VAL D 63 -18.83 -20.63 -10.17
CA VAL D 63 -19.44 -21.83 -9.61
C VAL D 63 -20.84 -21.54 -9.09
N LYS D 64 -21.23 -20.25 -9.09
CA LYS D 64 -22.39 -19.81 -8.33
C LYS D 64 -23.66 -20.59 -8.69
N GLY D 65 -23.88 -20.83 -9.98
CA GLY D 65 -25.09 -21.52 -10.40
C GLY D 65 -25.08 -23.00 -10.11
N ARG D 66 -23.91 -23.61 -9.96
CA ARG D 66 -23.79 -25.06 -9.97
C ARG D 66 -23.39 -25.69 -8.65
N PHE D 67 -22.62 -24.98 -7.82
CA PHE D 67 -22.14 -25.56 -6.57
C PHE D 67 -22.95 -25.06 -5.38
N THR D 68 -22.92 -25.84 -4.31
CA THR D 68 -23.54 -25.49 -3.04
C THR D 68 -22.60 -25.86 -1.91
N ILE D 69 -22.55 -25.03 -0.87
CA ILE D 69 -21.74 -25.31 0.31
C ILE D 69 -22.69 -25.45 1.49
N SER D 70 -22.48 -26.49 2.29
CA SER D 70 -23.37 -26.81 3.39
C SER D 70 -22.57 -27.31 4.58
N ILE D 71 -23.21 -27.33 5.74
CA ILE D 71 -22.62 -27.81 6.97
C ILE D 71 -23.53 -28.88 7.55
N ASP D 72 -22.97 -30.04 7.87
CA ASP D 72 -23.72 -31.14 8.46
C ASP D 72 -23.19 -31.31 9.88
N SER D 73 -23.97 -30.81 10.85
CA SER D 73 -23.55 -30.88 12.24
C SER D 73 -23.67 -32.29 12.81
N ALA D 74 -24.55 -33.11 12.24
CA ALA D 74 -24.69 -34.49 12.70
C ALA D 74 -23.41 -35.28 12.43
N GLU D 75 -22.91 -35.21 11.21
CA GLU D 75 -21.70 -35.93 10.83
C GLU D 75 -20.43 -35.10 11.07
N ASN D 76 -20.57 -33.86 11.57
CA ASN D 76 -19.43 -32.97 11.79
C ASN D 76 -18.62 -32.78 10.52
N THR D 77 -19.31 -32.55 9.40
CA THR D 77 -18.65 -32.48 8.11
C THR D 77 -19.09 -31.23 7.36
N LEU D 78 -18.23 -30.78 6.46
CA LEU D 78 -18.49 -29.62 5.63
C LEU D 78 -18.59 -30.08 4.18
N ALA D 79 -19.75 -29.90 3.57
CA ALA D 79 -20.03 -30.44 2.26
C ALA D 79 -19.94 -29.37 1.18
N LEU D 80 -19.35 -29.74 0.05
CA LEU D 80 -19.43 -28.95 -1.17
C LEU D 80 -20.01 -29.86 -2.24
N GLN D 81 -21.28 -29.62 -2.58
CA GLN D 81 -21.94 -30.37 -3.63
C GLN D 81 -21.74 -29.67 -4.96
N MET D 82 -21.14 -30.38 -5.90
CA MET D 82 -20.83 -29.86 -7.21
C MET D 82 -21.73 -30.52 -8.24
N ASN D 83 -22.39 -29.69 -9.06
CA ASN D 83 -23.28 -30.18 -10.08
C ASN D 83 -22.89 -29.56 -11.41
N ARG D 84 -23.29 -30.21 -12.50
CA ARG D 84 -23.02 -29.73 -13.85
C ARG D 84 -21.52 -29.47 -14.05
N LEU D 85 -20.72 -30.45 -13.67
CA LEU D 85 -19.27 -30.27 -13.65
C LEU D 85 -18.73 -30.06 -15.05
N LYS D 86 -17.69 -29.23 -15.14
CA LYS D 86 -17.03 -28.87 -16.39
C LYS D 86 -15.56 -29.28 -16.37
N PRO D 87 -14.92 -29.35 -17.55
CA PRO D 87 -13.48 -29.64 -17.56
C PRO D 87 -12.67 -28.63 -16.78
N GLU D 88 -13.11 -27.36 -16.76
CA GLU D 88 -12.41 -26.34 -15.99
C GLU D 88 -12.42 -26.62 -14.49
N ASP D 89 -13.28 -27.53 -14.02
CA ASP D 89 -13.36 -27.84 -12.61
C ASP D 89 -12.32 -28.83 -12.13
N THR D 90 -11.53 -29.43 -13.04
CA THR D 90 -10.49 -30.35 -12.63
C THR D 90 -9.45 -29.63 -11.78
N ALA D 91 -9.27 -30.09 -10.54
CA ALA D 91 -8.34 -29.45 -9.61
C ALA D 91 -8.30 -30.27 -8.33
N VAL D 92 -7.34 -29.94 -7.48
CA VAL D 92 -7.29 -30.44 -6.12
C VAL D 92 -8.06 -29.48 -5.23
N TYR D 93 -8.99 -30.00 -4.43
CA TYR D 93 -9.86 -29.20 -3.60
C TYR D 93 -9.46 -29.32 -2.14
N TYR D 94 -9.37 -28.17 -1.46
CA TYR D 94 -9.00 -28.07 -0.07
C TYR D 94 -10.12 -27.39 0.71
N CYS D 95 -10.43 -27.91 1.89
CA CYS D 95 -11.27 -27.20 2.84
C CYS D 95 -10.38 -26.49 3.86
N PHE D 96 -10.88 -25.39 4.40
CA PHE D 96 -10.21 -24.69 5.49
C PHE D 96 -11.20 -24.41 6.59
N ALA D 97 -10.68 -24.32 7.81
CA ALA D 97 -11.45 -23.98 9.00
C ALA D 97 -10.71 -22.89 9.76
N ALA D 98 -11.46 -21.97 10.34
CA ALA D 98 -10.91 -20.83 11.04
C ALA D 98 -11.20 -20.95 12.53
N LEU D 99 -10.14 -21.01 13.33
CA LEU D 99 -10.25 -20.97 14.78
C LEU D 99 -9.28 -19.94 15.33
N ASP D 100 -8.20 -20.40 15.97
CA ASP D 100 -7.13 -19.49 16.36
C ASP D 100 -6.22 -19.18 15.19
N THR D 101 -6.21 -20.03 14.17
CA THR D 101 -5.58 -19.76 12.89
C THR D 101 -6.40 -20.50 11.82
N ALA D 102 -5.92 -20.49 10.59
CA ALA D 102 -6.57 -21.25 9.53
C ALA D 102 -5.91 -22.60 9.40
N TYR D 103 -6.72 -23.66 9.38
CA TYR D 103 -6.26 -25.02 9.21
C TYR D 103 -6.77 -25.56 7.88
N TRP D 104 -5.95 -26.36 7.21
CA TRP D 104 -6.28 -26.87 5.90
C TRP D 104 -6.18 -28.39 5.87
N GLY D 105 -7.02 -29.00 5.03
CA GLY D 105 -6.79 -30.38 4.66
C GLY D 105 -5.72 -30.45 3.59
N GLN D 106 -5.34 -31.67 3.24
CA GLN D 106 -4.33 -31.84 2.20
C GLN D 106 -4.94 -31.91 0.80
N GLY D 107 -6.25 -32.07 0.70
CA GLY D 107 -6.94 -31.94 -0.57
C GLY D 107 -7.37 -33.28 -1.15
N THR D 108 -8.35 -33.20 -2.04
CA THR D 108 -8.83 -34.35 -2.80
C THR D 108 -8.93 -33.98 -4.27
N GLN D 109 -8.53 -34.90 -5.14
CA GLN D 109 -8.49 -34.61 -6.57
C GLN D 109 -9.87 -34.81 -7.20
N VAL D 110 -10.29 -33.82 -7.99
CA VAL D 110 -11.54 -33.87 -8.74
C VAL D 110 -11.20 -33.71 -10.21
N THR D 111 -11.65 -34.69 -11.01
CA THR D 111 -11.28 -34.79 -12.42
C THR D 111 -12.54 -34.96 -13.25
N VAL D 112 -12.78 -34.01 -14.16
CA VAL D 112 -13.90 -34.04 -15.09
C VAL D 112 -13.33 -34.22 -16.49
N SER D 113 -13.79 -35.24 -17.20
CA SER D 113 -13.19 -35.60 -18.48
C SER D 113 -14.19 -36.40 -19.30
N SER D 114 -13.89 -36.54 -20.60
CA SER D 114 -14.70 -37.32 -21.54
C SER D 114 -14.45 -38.82 -21.46
N ALA D 115 -13.88 -39.32 -20.37
CA ALA D 115 -13.55 -40.74 -20.22
C ALA D 115 -14.36 -41.33 -19.06
N ALA D 116 -14.13 -42.62 -18.82
CA ALA D 116 -14.84 -43.42 -17.82
C ALA D 116 -16.29 -43.68 -18.25
#